data_2KAZ
#
_entry.id   2KAZ
#
loop_
_entity.id
_entity.type
_entity.pdbx_description
1 polymer "5'-D(*DGP*DGP*DGP*DAP*DCP*DGP*DTP*DAP*DGP*DTP*DGP*DGP*DG)-3'"
2 non-polymer 'POTASSIUM ION'
#
_entity_poly.entity_id   1
_entity_poly.type   'polydeoxyribonucleotide'
_entity_poly.pdbx_seq_one_letter_code
;(DG)(DG)(DG)(DA)(DC)(DG)(DT)(DA)(DG)(DT)(DG)(DG)(DG)
;
_entity_poly.pdbx_strand_id   A,B
#
loop_
_chem_comp.id
_chem_comp.type
_chem_comp.name
_chem_comp.formula
DA DNA linking 2'-DEOXYADENOSINE-5'-MONOPHOSPHATE 'C10 H14 N5 O6 P'
DC DNA linking 2'-DEOXYCYTIDINE-5'-MONOPHOSPHATE 'C9 H14 N3 O7 P'
DG DNA linking 2'-DEOXYGUANOSINE-5'-MONOPHOSPHATE 'C10 H14 N5 O7 P'
DT DNA linking THYMIDINE-5'-MONOPHOSPHATE 'C10 H15 N2 O8 P'
K non-polymer 'POTASSIUM ION' 'K 1'
#
# COMPACT_ATOMS: atom_id res chain seq x y z
K K C . 1.73 0.75 -0.29
K K D . -1.75 -0.96 0.57
K K C . 1.55 0.97 -0.64
K K D . -1.65 -0.67 0.18
K K C . 2.03 0.93 -0.36
K K D . -1.12 -0.68 0.60
K K C . 1.29 0.86 -0.59
K K D . -1.73 -0.68 0.49
K K C . 1.42 0.60 -0.68
K K D . -1.79 -1.13 0.72
#